data_2HGV
#
_entry.id   2HGV
#
_cell.length_a   34.690
_cell.length_b   84.846
_cell.length_c   54.929
_cell.angle_alpha   90.00
_cell.angle_beta   90.00
_cell.angle_gamma   90.00
#
_symmetry.space_group_name_H-M   'P 21 21 2'
#
loop_
_entity.id
_entity.type
_entity.pdbx_description
1 polymer 'GTP-sensing transcriptional pleiotropic repressor codY'
2 non-polymer VALINE
3 water water
#
_entity_poly.entity_id   1
_entity_poly.type   'polypeptide(L)'
_entity_poly.pdbx_seq_one_letter_code
;GSSHHHHHH(MSE)ALLQKTRIINS(MSE)LQAAAGKPVNFKE(MSE)AETLRDVIDSNIFVVSRRGKLLGYSINQQIEN
DR(MSE)KK(MSE)LEDRQFPEEYTKNLFNVPETSSNLDINSEYTAFPVENRDLFQAGLTTIVPIIGGGERLGTLILSRL
QDQFNDDDLILAEYGATVVG(MSE)EIL
;
_entity_poly.pdbx_strand_id   A
#
# COMPACT_ATOMS: atom_id res chain seq x y z
N ALA A 11 -20.86 3.79 4.61
CA ALA A 11 -21.06 3.34 3.25
C ALA A 11 -19.84 3.64 2.39
N LEU A 12 -19.67 2.86 1.34
CA LEU A 12 -18.61 3.08 0.38
C LEU A 12 -18.64 4.49 -0.19
N LEU A 13 -19.83 4.99 -0.54
CA LEU A 13 -19.96 6.31 -1.14
C LEU A 13 -19.43 7.40 -0.24
N GLN A 14 -19.58 7.24 1.05
CA GLN A 14 -18.96 8.15 2.01
C GLN A 14 -17.44 8.15 1.95
N LYS A 15 -16.86 6.95 1.98
CA LYS A 15 -15.41 6.78 1.89
C LYS A 15 -14.84 7.32 0.57
N THR A 16 -15.50 7.04 -0.55
CA THR A 16 -15.05 7.59 -1.83
C THR A 16 -15.15 9.11 -1.83
N ARG A 17 -16.22 9.66 -1.28
CA ARG A 17 -16.32 11.10 -1.10
C ARG A 17 -15.12 11.70 -0.34
N ILE A 18 -14.63 11.00 0.69
CA ILE A 18 -13.45 11.43 1.44
C ILE A 18 -12.19 11.53 0.58
N ILE A 19 -11.93 10.53 -0.26
CA ILE A 19 -10.81 10.59 -1.19
C ILE A 19 -11.01 11.69 -2.21
N ASN A 20 -12.24 11.79 -2.70
CA ASN A 20 -12.60 12.77 -3.73
C ASN A 20 -12.37 14.21 -3.24
N SER A 21 -12.83 14.54 -2.04
CA SER A 21 -12.58 15.88 -1.47
C SER A 21 -11.09 16.17 -1.36
N LEU A 23 -8.57 14.74 -3.23
CA LEU A 23 -8.13 14.95 -4.62
C LEU A 23 -8.57 16.30 -5.17
N GLN A 24 -9.82 16.68 -4.90
CA GLN A 24 -10.39 17.92 -5.42
C GLN A 24 -9.67 19.18 -4.91
N ALA A 25 -9.31 19.20 -3.62
CA ALA A 25 -8.57 20.31 -3.03
C ALA A 25 -7.08 20.32 -3.43
N ALA A 26 -6.50 19.14 -3.62
CA ALA A 26 -5.06 18.99 -3.88
C ALA A 26 -4.63 19.28 -5.32
N ALA A 27 -5.55 19.17 -6.28
CA ALA A 27 -5.23 19.41 -7.70
C ALA A 27 -5.58 20.85 -8.05
N GLY A 28 -4.59 21.72 -8.29
CA GLY A 28 -3.15 21.39 -8.28
C GLY A 28 -2.36 22.09 -7.20
N LYS A 29 -1.69 21.29 -6.37
CA LYS A 29 -0.58 21.72 -5.51
C LYS A 29 0.52 20.68 -5.72
N PRO A 30 1.78 21.02 -5.39
CA PRO A 30 2.83 20.00 -5.45
C PRO A 30 2.34 18.67 -4.88
N VAL A 31 2.14 17.70 -5.77
CA VAL A 31 1.74 16.33 -5.44
C VAL A 31 2.17 15.92 -4.02
N ASN A 32 1.28 15.24 -3.31
CA ASN A 32 1.53 14.87 -1.91
C ASN A 32 1.18 13.41 -1.65
N PHE A 33 2.16 12.51 -1.80
CA PHE A 33 1.90 11.08 -1.61
C PHE A 33 1.69 10.72 -0.14
N LYS A 34 2.25 11.52 0.77
CA LYS A 34 2.06 11.31 2.21
C LYS A 34 0.58 11.47 2.54
N GLU A 35 0.00 12.56 2.05
CA GLU A 35 -1.43 12.86 2.19
C GLU A 35 -2.36 11.79 1.59
N ALA A 37 -1.52 8.64 1.14
CA ALA A 37 -1.36 7.44 1.98
C ALA A 37 -2.17 7.53 3.28
N GLU A 38 -2.23 8.72 3.87
CA GLU A 38 -2.95 8.96 5.12
C GLU A 38 -4.45 8.89 4.90
N THR A 39 -4.90 9.49 3.81
CA THR A 39 -6.29 9.34 3.38
C THR A 39 -6.73 7.88 3.19
N LEU A 40 -6.00 7.13 2.37
CA LEU A 40 -6.29 5.71 2.20
C LEU A 40 -6.23 4.95 3.48
N ARG A 41 -5.26 5.26 4.33
CA ARG A 41 -5.22 4.64 5.63
C ARG A 41 -6.50 4.93 6.40
N ASP A 42 -6.94 6.19 6.39
CA ASP A 42 -8.19 6.55 7.07
C ASP A 42 -9.41 5.78 6.55
N VAL A 43 -9.54 5.60 5.24
CA VAL A 43 -10.73 4.94 4.67
C VAL A 43 -10.62 3.42 4.52
N ILE A 44 -9.41 2.87 4.47
CA ILE A 44 -9.26 1.43 4.30
C ILE A 44 -8.94 0.77 5.66
N ASP A 45 -8.47 1.58 6.60
CA ASP A 45 -8.08 1.12 7.94
C ASP A 45 -6.96 0.09 7.85
N SER A 46 -5.85 0.50 7.27
CA SER A 46 -4.75 -0.39 7.07
C SER A 46 -3.47 0.44 6.91
N ASN A 47 -2.33 -0.22 7.08
CA ASN A 47 -1.05 0.39 6.72
C ASN A 47 -1.01 0.61 5.22
N ILE A 48 -0.35 1.67 4.79
CA ILE A 48 -0.30 2.04 3.37
C ILE A 48 1.14 2.36 3.03
N PHE A 49 1.65 1.75 1.96
CA PHE A 49 2.98 2.00 1.43
C PHE A 49 2.88 2.17 -0.07
N VAL A 50 3.37 3.29 -0.59
CA VAL A 50 3.48 3.54 -2.00
C VAL A 50 4.95 3.40 -2.34
N VAL A 51 5.22 2.32 -3.07
CA VAL A 51 6.55 1.82 -3.35
C VAL A 51 6.83 1.94 -4.84
N SER A 52 7.98 2.54 -5.16
CA SER A 52 8.40 2.68 -6.54
C SER A 52 8.91 1.36 -7.08
N ARG A 53 9.23 1.35 -8.38
CA ARG A 53 9.75 0.18 -9.08
C ARG A 53 10.95 -0.40 -8.37
N ARG A 54 11.86 0.48 -7.95
CA ARG A 54 13.12 0.09 -7.29
C ARG A 54 13.09 0.16 -5.75
N GLY A 55 11.91 0.30 -5.16
CA GLY A 55 11.73 0.10 -3.72
C GLY A 55 11.67 1.34 -2.86
N LYS A 56 11.71 2.50 -3.51
CA LYS A 56 11.68 3.77 -2.81
C LYS A 56 10.28 3.98 -2.26
N LEU A 57 10.19 4.37 -0.99
CA LEU A 57 8.90 4.74 -0.40
C LEU A 57 8.53 6.16 -0.81
N LEU A 58 7.57 6.27 -1.72
CA LEU A 58 7.13 7.58 -2.18
C LEU A 58 6.23 8.16 -1.12
N GLY A 59 5.48 7.30 -0.45
CA GLY A 59 4.63 7.69 0.67
C GLY A 59 4.27 6.47 1.51
N TYR A 60 3.96 6.71 2.77
CA TYR A 60 3.47 5.68 3.63
C TYR A 60 2.67 6.35 4.71
N SER A 61 1.83 5.54 5.34
CA SER A 61 1.06 5.95 6.47
C SER A 61 0.79 4.69 7.29
N ILE A 62 1.18 4.72 8.56
CA ILE A 62 1.21 3.56 9.43
C ILE A 62 0.00 3.61 10.34
N ASN A 63 -0.73 2.50 10.34
CA ASN A 63 -1.90 2.32 11.13
C ASN A 63 -1.60 1.52 12.40
N GLN A 64 -0.62 0.61 12.34
CA GLN A 64 -0.07 -0.07 13.52
C GLN A 64 1.44 0.20 13.69
N GLN A 65 1.84 0.79 14.82
CA GLN A 65 3.26 0.89 15.20
C GLN A 65 3.71 -0.54 15.43
N ILE A 66 4.77 -1.01 14.80
CA ILE A 66 5.32 -2.29 15.24
C ILE A 66 6.73 -2.14 15.79
N GLU A 67 7.05 -3.02 16.73
CA GLU A 67 8.34 -3.08 17.34
C GLU A 67 9.15 -4.10 16.53
N ASN A 68 9.56 -3.68 15.35
CA ASN A 68 10.58 -4.39 14.64
C ASN A 68 11.52 -3.32 14.12
N ASP A 69 12.79 -3.43 14.50
CA ASP A 69 13.81 -2.42 14.16
C ASP A 69 14.11 -2.34 12.67
N ARG A 70 14.21 -3.49 12.01
CA ARG A 70 14.47 -3.52 10.57
C ARG A 70 13.37 -2.79 9.78
N LYS A 72 11.30 -0.32 11.21
CA LYS A 72 11.48 1.09 11.53
C LYS A 72 12.59 1.71 10.66
N LYS A 73 13.65 0.96 10.39
CA LYS A 73 14.72 1.46 9.50
C LYS A 73 14.25 1.73 8.08
N LEU A 75 11.40 2.53 7.04
CA LEU A 75 10.60 3.76 7.02
C LEU A 75 11.45 5.01 7.20
N GLU A 76 12.44 4.95 8.08
CA GLU A 76 13.39 6.05 8.20
C GLU A 76 14.17 6.21 6.88
N ASP A 77 14.70 5.12 6.34
CA ASP A 77 15.35 5.14 5.03
C ASP A 77 14.40 5.49 3.87
N ARG A 78 13.11 5.20 4.01
CA ARG A 78 12.15 5.33 2.90
C ARG A 78 12.55 4.41 1.76
N GLN A 79 12.95 3.20 2.10
CA GLN A 79 13.44 2.22 1.13
C GLN A 79 13.08 0.85 1.64
N PHE A 80 12.29 0.12 0.84
CA PHE A 80 12.03 -1.30 1.06
C PHE A 80 13.16 -2.16 0.51
N PRO A 81 13.27 -3.42 0.97
CA PRO A 81 14.33 -4.32 0.48
C PRO A 81 14.31 -4.58 -1.02
N GLU A 82 15.49 -4.89 -1.56
CA GLU A 82 15.76 -5.04 -2.99
C GLU A 82 15.04 -6.25 -3.60
N GLU A 83 15.27 -7.42 -3.01
CA GLU A 83 14.71 -8.67 -3.47
C GLU A 83 13.19 -8.60 -3.40
N TYR A 84 12.66 -8.27 -2.22
CA TYR A 84 11.21 -8.10 -2.01
C TYR A 84 10.57 -7.17 -3.03
N THR A 85 11.21 -6.02 -3.21
CA THR A 85 10.74 -5.02 -4.17
C THR A 85 10.75 -5.55 -5.60
N LYS A 86 11.82 -6.26 -5.97
CA LYS A 86 11.90 -6.84 -7.32
C LYS A 86 10.75 -7.81 -7.54
N ASN A 87 10.55 -8.70 -6.57
CA ASN A 87 9.56 -9.76 -6.70
CA ASN A 87 9.56 -9.77 -6.65
C ASN A 87 8.11 -9.26 -6.84
N LEU A 88 7.88 -7.98 -6.52
CA LEU A 88 6.55 -7.39 -6.68
C LEU A 88 6.09 -7.28 -8.12
N PHE A 89 7.03 -7.24 -9.06
CA PHE A 89 6.73 -7.27 -10.49
C PHE A 89 6.10 -8.60 -10.92
N ASN A 90 6.30 -9.65 -10.13
CA ASN A 90 5.73 -10.95 -10.40
C ASN A 90 4.23 -11.06 -10.10
N VAL A 91 3.67 -10.03 -9.47
CA VAL A 91 2.23 -9.90 -9.27
C VAL A 91 1.70 -8.86 -10.25
N PRO A 92 1.10 -9.30 -11.37
CA PRO A 92 0.61 -8.41 -12.44
C PRO A 92 -0.72 -7.71 -12.17
N GLU A 93 -1.51 -8.25 -11.25
CA GLU A 93 -2.82 -7.73 -10.92
C GLU A 93 -3.01 -7.78 -9.42
N THR A 94 -3.91 -6.96 -8.90
CA THR A 94 -4.23 -6.92 -7.49
C THR A 94 -4.33 -8.32 -6.93
N SER A 95 -3.68 -8.54 -5.79
CA SER A 95 -3.80 -9.80 -5.09
C SER A 95 -3.95 -9.49 -3.61
N SER A 96 -5.07 -9.90 -3.05
CA SER A 96 -5.47 -9.43 -1.73
C SER A 96 -5.45 -10.56 -0.74
N ASN A 97 -5.52 -10.20 0.54
CA ASN A 97 -5.61 -11.15 1.64
C ASN A 97 -4.51 -12.20 1.65
N LEU A 98 -3.32 -11.80 1.22
CA LEU A 98 -2.15 -12.66 1.25
C LEU A 98 -1.66 -12.79 2.68
N ASP A 99 -1.50 -14.02 3.14
CA ASP A 99 -1.17 -14.27 4.54
C ASP A 99 0.31 -14.13 4.87
N ILE A 100 0.61 -14.36 6.15
CA ILE A 100 1.95 -14.11 6.70
C ILE A 100 3.03 -14.93 5.99
N ASN A 101 2.66 -16.08 5.43
CA ASN A 101 3.62 -17.02 4.84
C ASN A 101 3.86 -16.77 3.36
N SER A 102 3.19 -15.75 2.82
CA SER A 102 3.39 -15.36 1.45
C SER A 102 4.70 -14.59 1.35
N GLU A 103 5.46 -14.82 0.28
CA GLU A 103 6.67 -14.04 -0.01
C GLU A 103 6.36 -12.55 -0.16
N TYR A 104 5.10 -12.24 -0.50
CA TYR A 104 4.69 -10.84 -0.67
C TYR A 104 4.24 -10.17 0.62
N THR A 105 4.26 -10.86 1.75
CA THR A 105 3.79 -10.27 3.01
C THR A 105 4.52 -8.94 3.34
N ALA A 106 3.78 -7.98 3.90
CA ALA A 106 4.34 -6.68 4.25
C ALA A 106 4.74 -6.65 5.71
N PHE A 107 4.62 -7.77 6.40
CA PHE A 107 5.09 -7.88 7.77
C PHE A 107 6.54 -8.46 7.80
N PRO A 108 7.35 -8.09 8.80
CA PRO A 108 8.73 -8.61 8.70
C PRO A 108 8.74 -10.10 9.02
N VAL A 109 9.49 -10.86 8.22
CA VAL A 109 9.44 -12.32 8.31
C VAL A 109 9.95 -12.89 9.63
N GLU A 110 10.84 -12.19 10.34
CA GLU A 110 11.32 -12.70 11.62
C GLU A 110 10.20 -12.68 12.67
N ASN A 111 9.13 -11.94 12.41
CA ASN A 111 7.99 -11.85 13.32
C ASN A 111 6.71 -12.52 12.82
N ARG A 112 6.85 -13.58 12.01
CA ARG A 112 5.72 -14.34 11.52
C ARG A 112 4.85 -14.92 12.63
N ASP A 113 5.47 -15.28 13.75
CA ASP A 113 4.74 -15.91 14.85
C ASP A 113 3.81 -14.89 15.47
N LEU A 114 4.38 -13.70 15.68
CA LEU A 114 3.67 -12.60 16.30
C LEU A 114 2.55 -12.09 15.41
N PHE A 115 2.82 -12.03 14.11
CA PHE A 115 1.86 -11.51 13.12
C PHE A 115 1.23 -12.60 12.29
N GLN A 116 0.81 -13.68 12.94
CA GLN A 116 0.23 -14.84 12.24
C GLN A 116 -1.09 -14.48 11.51
N ALA A 117 -1.79 -13.49 12.03
CA ALA A 117 -3.03 -13.02 11.43
C ALA A 117 -2.83 -11.81 10.51
N GLY A 118 -1.60 -11.45 10.21
CA GLY A 118 -1.31 -10.36 9.27
C GLY A 118 -1.62 -10.64 7.80
N LEU A 119 -2.43 -9.75 7.21
CA LEU A 119 -2.89 -9.85 5.85
C LEU A 119 -2.33 -8.70 5.00
N THR A 120 -1.94 -9.02 3.78
CA THR A 120 -1.34 -8.08 2.86
C THR A 120 -2.11 -8.07 1.53
N THR A 121 -2.33 -6.87 0.99
CA THR A 121 -2.88 -6.70 -0.35
C THR A 121 -1.88 -5.95 -1.24
N ILE A 122 -1.60 -6.51 -2.42
CA ILE A 122 -0.66 -5.93 -3.39
C ILE A 122 -1.42 -5.35 -4.56
N VAL A 123 -1.21 -4.07 -4.85
CA VAL A 123 -1.91 -3.36 -5.90
C VAL A 123 -0.91 -2.71 -6.85
N PRO A 124 -0.76 -3.29 -8.06
CA PRO A 124 0.08 -2.67 -9.07
C PRO A 124 -0.31 -1.25 -9.36
N ILE A 125 0.65 -0.32 -9.31
CA ILE A 125 0.40 1.04 -9.74
C ILE A 125 0.85 1.09 -11.18
N ILE A 126 -0.07 1.42 -12.08
CA ILE A 126 0.15 1.35 -13.53
C ILE A 126 -0.19 2.66 -14.23
N GLY A 127 0.60 3.01 -15.26
CA GLY A 127 0.38 4.25 -16.03
C GLY A 127 1.07 4.34 -17.40
N GLY A 128 0.27 4.24 -18.47
CA GLY A 128 0.78 4.24 -19.83
C GLY A 128 1.24 2.85 -20.23
N GLY A 129 0.53 1.83 -19.78
CA GLY A 129 0.95 0.46 -19.98
C GLY A 129 2.25 0.12 -19.26
N GLU A 130 2.62 0.93 -18.26
CA GLU A 130 3.85 0.72 -17.49
C GLU A 130 3.56 0.52 -16.01
N ARG A 131 4.05 -0.59 -15.46
CA ARG A 131 4.07 -0.76 -13.99
C ARG A 131 5.02 0.30 -13.39
N LEU A 132 4.42 1.29 -12.73
CA LEU A 132 5.14 2.43 -12.16
C LEU A 132 5.57 2.22 -10.72
N GLY A 133 5.07 1.16 -10.09
CA GLY A 133 5.19 1.02 -8.66
C GLY A 133 4.16 0.06 -8.15
N THR A 134 4.07 -0.01 -6.82
CA THR A 134 3.14 -0.89 -6.12
C THR A 134 2.54 -0.17 -4.92
N LEU A 135 1.23 -0.32 -4.73
CA LEU A 135 0.56 0.10 -3.51
C LEU A 135 0.30 -1.13 -2.65
N ILE A 136 0.83 -1.10 -1.43
CA ILE A 136 0.75 -2.20 -0.51
C ILE A 136 -0.14 -1.79 0.66
N LEU A 137 -1.03 -2.70 1.03
CA LEU A 137 -1.91 -2.53 2.14
C LEU A 137 -1.66 -3.69 3.11
N SER A 138 -1.60 -3.40 4.40
CA SER A 138 -1.47 -4.48 5.36
C SER A 138 -2.23 -4.16 6.62
N ARG A 139 -2.74 -5.21 7.25
CA ARG A 139 -3.33 -5.08 8.56
C ARG A 139 -3.54 -6.46 9.13
N LEU A 140 -3.96 -6.45 10.39
CA LEU A 140 -4.15 -7.64 11.16
C LEU A 140 -5.60 -8.09 11.11
N GLN A 141 -5.78 -9.40 10.92
CA GLN A 141 -7.02 -10.12 11.25
C GLN A 141 -8.20 -9.90 10.32
N ASP A 142 -8.50 -8.64 10.00
CA ASP A 142 -9.68 -8.28 9.19
C ASP A 142 -9.43 -8.46 7.70
N GLN A 143 -10.13 -9.41 7.09
CA GLN A 143 -10.03 -9.68 5.66
C GLN A 143 -10.38 -8.44 4.85
N PHE A 144 -9.61 -8.16 3.80
CA PHE A 144 -9.98 -7.15 2.85
C PHE A 144 -11.21 -7.61 2.03
N ASN A 145 -12.11 -6.67 1.72
CA ASN A 145 -13.31 -6.96 0.92
C ASN A 145 -13.36 -6.10 -0.33
N ASP A 146 -14.43 -6.25 -1.12
CA ASP A 146 -14.59 -5.50 -2.37
C ASP A 146 -14.43 -4.00 -2.19
N ASP A 147 -15.05 -3.45 -1.15
CA ASP A 147 -14.98 -2.02 -0.87
C ASP A 147 -13.54 -1.56 -0.68
N ASP A 148 -12.77 -2.31 0.12
CA ASP A 148 -11.34 -1.99 0.33
C ASP A 148 -10.58 -2.01 -1.00
N LEU A 149 -10.88 -2.99 -1.82
CA LEU A 149 -10.27 -3.08 -3.15
C LEU A 149 -10.63 -1.93 -4.09
N ILE A 150 -11.90 -1.57 -4.10
CA ILE A 150 -12.31 -0.37 -4.84
C ILE A 150 -11.51 0.83 -4.39
N LEU A 151 -11.43 1.05 -3.10
CA LEU A 151 -10.71 2.24 -2.59
C LEU A 151 -9.22 2.16 -2.90
N ALA A 152 -8.65 1.01 -2.64
CA ALA A 152 -7.25 0.70 -2.97
C ALA A 152 -6.90 0.92 -4.44
N GLU A 153 -7.73 0.39 -5.34
CA GLU A 153 -7.48 0.57 -6.78
C GLU A 153 -7.70 1.98 -7.30
N TYR A 154 -8.67 2.68 -6.70
CA TYR A 154 -8.90 4.08 -7.00
C TYR A 154 -7.65 4.83 -6.65
N GLY A 155 -7.14 4.62 -5.43
CA GLY A 155 -5.93 5.31 -5.00
C GLY A 155 -4.71 4.98 -5.84
N ALA A 156 -4.53 3.68 -6.17
CA ALA A 156 -3.38 3.26 -7.02
C ALA A 156 -3.42 3.88 -8.42
N THR A 157 -4.63 3.99 -8.98
CA THR A 157 -4.82 4.59 -10.30
C THR A 157 -4.47 6.05 -10.29
N VAL A 158 -4.98 6.78 -9.31
CA VAL A 158 -4.71 8.21 -9.23
C VAL A 158 -3.25 8.45 -8.84
N VAL A 159 -2.67 7.57 -8.01
CA VAL A 159 -1.22 7.70 -7.72
C VAL A 159 -0.44 7.48 -9.03
N GLY A 160 -0.82 6.47 -9.81
CA GLY A 160 -0.21 6.26 -11.11
C GLY A 160 -0.26 7.48 -12.04
N GLU A 162 -0.75 10.88 -10.79
CA GLU A 162 0.03 11.89 -10.06
C GLU A 162 1.54 11.59 -10.02
N ILE A 163 1.95 10.40 -10.46
CA ILE A 163 3.37 10.08 -10.70
C ILE A 163 3.84 10.65 -12.05
N LEU A 164 2.91 11.10 -12.88
CA LEU A 164 3.25 11.58 -14.23
C LEU A 164 3.05 13.09 -14.37
#